data_2ZAN
#
_entry.id   2ZAN
#
_cell.length_a   75.607
_cell.length_b   75.607
_cell.length_c   131.678
_cell.angle_alpha   90.00
_cell.angle_beta   90.00
_cell.angle_gamma   120.00
#
_symmetry.space_group_name_H-M   'P 65'
#
loop_
_entity.id
_entity.type
_entity.pdbx_description
1 polymer 'Vacuolar protein sorting-associating protein 4B'
2 non-polymer 'MAGNESIUM ION'
3 non-polymer "ADENOSINE-5'-TRIPHOSPHATE"
4 water water
#
_entity_poly.entity_id   1
_entity_poly.type   'polypeptide(L)'
_entity_poly.pdbx_seq_one_letter_code
;MASTNTNLQKAIDLASKAAQEDKAGNYEEALQLYQHAVQYFLHVVKYEAQGDKAKQSIRAKCTEYLDRAEKLKEYLKKKE
KKPQKPVKEEQSGPVDEKGNDSDGEAESDDPEKKKLQNQLQGAIVIERPNVKWSDVAGLEGAKEALKEAVILPIKFPHLF
TGKRTPWRGILLFGPPGTGKSYLAKAVATEANNSTFFSISSSDLVSKWLGESEKLVKNLFQLARENKPSIIFIDEIDSLC
GSRSENESEAARRIKTEFLVQMQGVGVDNDGILVLGATNIPWVLDSAIRRRFEKRIYIPLPEAHARAAMFRLHLGSTQNS
LTEADFQELGRKTDGYSGADISIIVRDALMQPVRKVQSATHFKKVRGPSRADPNCIVNDLLTPCSPGDPGAIEMTWMDVP
GDKLLEPVVSMWDMLRSLSSTKPTVNEQDLLKLKKFTEDFGQEG
;
_entity_poly.pdbx_strand_id   A
#
loop_
_chem_comp.id
_chem_comp.type
_chem_comp.name
_chem_comp.formula
ATP non-polymer ADENOSINE-5'-TRIPHOSPHATE 'C10 H16 N5 O13 P3'
MG non-polymer 'MAGNESIUM ION' 'Mg 2'
#
# COMPACT_ATOMS: atom_id res chain seq x y z
N ILE A 124 -7.92 -3.50 -15.28
CA ILE A 124 -7.29 -4.78 -15.55
C ILE A 124 -5.77 -4.64 -15.67
N VAL A 125 -5.10 -4.13 -14.63
CA VAL A 125 -3.65 -3.97 -14.67
C VAL A 125 -3.03 -5.38 -14.67
N ILE A 126 -2.61 -5.80 -15.85
CA ILE A 126 -2.03 -7.12 -16.09
C ILE A 126 -0.54 -7.19 -15.80
N GLU A 127 -0.03 -6.20 -15.06
CA GLU A 127 1.39 -6.10 -14.76
C GLU A 127 1.86 -6.52 -13.38
N ARG A 128 3.16 -6.33 -13.16
CA ARG A 128 3.87 -6.65 -11.93
C ARG A 128 4.76 -5.43 -11.60
N PRO A 129 4.31 -4.56 -10.65
CA PRO A 129 5.06 -3.36 -10.24
C PRO A 129 6.37 -3.58 -9.52
N ASN A 130 6.68 -2.72 -8.55
CA ASN A 130 7.93 -2.87 -7.84
C ASN A 130 7.83 -2.75 -6.31
N VAL A 131 7.14 -3.69 -5.68
CA VAL A 131 7.02 -3.68 -4.23
C VAL A 131 7.58 -4.97 -3.63
N LYS A 132 8.80 -4.89 -3.11
CA LYS A 132 9.46 -6.05 -2.50
C LYS A 132 8.93 -6.26 -1.09
N TRP A 133 9.07 -7.48 -0.58
CA TRP A 133 8.59 -7.77 0.76
C TRP A 133 9.23 -6.76 1.69
N SER A 134 10.49 -6.46 1.41
CA SER A 134 11.27 -5.52 2.21
C SER A 134 10.59 -4.16 2.33
N ASP A 135 9.79 -3.80 1.33
CA ASP A 135 9.11 -2.52 1.33
C ASP A 135 7.90 -2.43 2.23
N VAL A 136 7.34 -3.57 2.61
CA VAL A 136 6.16 -3.56 3.47
C VAL A 136 6.62 -3.77 4.90
N ALA A 137 6.37 -2.78 5.75
CA ALA A 137 6.76 -2.86 7.15
C ALA A 137 5.82 -3.75 7.95
N GLY A 138 6.33 -4.42 8.97
CA GLY A 138 5.48 -5.30 9.74
C GLY A 138 4.88 -6.39 8.89
N LEU A 139 3.69 -6.84 9.29
CA LEU A 139 2.92 -7.89 8.60
C LEU A 139 3.69 -9.16 8.28
N GLU A 140 4.74 -9.47 9.05
CA GLU A 140 5.50 -10.68 8.74
C GLU A 140 4.65 -11.92 8.97
N GLY A 141 3.50 -11.74 9.62
CA GLY A 141 2.59 -12.85 9.80
C GLY A 141 1.94 -13.09 8.46
N ALA A 142 1.26 -12.06 7.95
CA ALA A 142 0.58 -12.11 6.66
C ALA A 142 1.57 -12.43 5.57
N LYS A 143 2.81 -12.01 5.73
CA LYS A 143 3.81 -12.30 4.73
C LYS A 143 3.95 -13.82 4.66
N GLU A 144 4.25 -14.44 5.81
CA GLU A 144 4.41 -15.88 5.86
C GLU A 144 3.16 -16.62 5.42
N ALA A 145 2.00 -16.06 5.73
CA ALA A 145 0.74 -16.67 5.34
C ALA A 145 0.67 -16.66 3.82
N LEU A 146 1.09 -15.55 3.23
CA LEU A 146 1.06 -15.38 1.79
C LEU A 146 2.15 -16.12 1.07
N LYS A 147 3.25 -16.36 1.78
CA LYS A 147 4.33 -17.09 1.16
C LYS A 147 3.85 -18.52 1.06
N GLU A 148 3.22 -19.00 2.14
CA GLU A 148 2.73 -20.37 2.24
C GLU A 148 1.54 -20.77 1.37
N ALA A 149 0.71 -19.81 0.98
CA ALA A 149 -0.44 -20.16 0.17
C ALA A 149 -0.36 -19.65 -1.26
N VAL A 150 0.54 -18.70 -1.51
CA VAL A 150 0.65 -18.14 -2.85
C VAL A 150 1.99 -18.38 -3.57
N ILE A 151 3.11 -18.22 -2.88
CA ILE A 151 4.41 -18.41 -3.53
C ILE A 151 4.93 -19.84 -3.56
N LEU A 152 4.90 -20.51 -2.42
CA LEU A 152 5.36 -21.88 -2.34
C LEU A 152 4.65 -22.81 -3.30
N PRO A 153 3.31 -22.77 -3.32
CA PRO A 153 2.52 -23.64 -4.21
C PRO A 153 2.92 -23.49 -5.67
N ILE A 154 3.27 -22.27 -6.05
CA ILE A 154 3.63 -21.97 -7.42
C ILE A 154 5.03 -22.45 -7.78
N LYS A 155 5.95 -22.27 -6.84
CA LYS A 155 7.35 -22.67 -7.01
C LYS A 155 7.53 -24.17 -6.86
N PHE A 156 6.77 -24.76 -5.95
CA PHE A 156 6.83 -26.19 -5.69
C PHE A 156 5.49 -26.84 -5.96
N PRO A 157 5.19 -27.10 -7.23
CA PRO A 157 3.91 -27.73 -7.52
C PRO A 157 3.71 -29.04 -6.77
N HIS A 158 4.65 -29.98 -6.95
CA HIS A 158 4.60 -31.32 -6.34
C HIS A 158 4.34 -31.38 -4.84
N LEU A 159 4.59 -30.28 -4.14
CA LEU A 159 4.35 -30.25 -2.70
C LEU A 159 2.85 -30.09 -2.50
N PHE A 160 2.31 -29.06 -3.13
CA PHE A 160 0.90 -28.78 -3.02
C PHE A 160 0.01 -29.52 -4.01
N THR A 161 0.20 -30.84 -4.13
CA THR A 161 -0.66 -31.62 -5.01
C THR A 161 -1.52 -32.42 -4.05
N GLY A 162 -2.36 -33.30 -4.59
CA GLY A 162 -3.22 -34.12 -3.76
C GLY A 162 -4.03 -33.40 -2.69
N LYS A 163 -3.97 -33.92 -1.47
CA LYS A 163 -4.68 -33.34 -0.35
C LYS A 163 -4.21 -31.92 0.02
N ARG A 164 -3.03 -31.52 -0.44
CA ARG A 164 -2.47 -30.19 -0.14
C ARG A 164 -2.73 -29.11 -1.18
N THR A 165 -3.89 -29.13 -1.84
CA THR A 165 -4.14 -28.10 -2.84
C THR A 165 -4.43 -26.76 -2.17
N PRO A 166 -3.70 -25.72 -2.56
CA PRO A 166 -3.90 -24.37 -1.98
C PRO A 166 -5.35 -23.93 -2.15
N TRP A 167 -5.88 -23.22 -1.17
CA TRP A 167 -7.26 -22.76 -1.28
C TRP A 167 -7.42 -21.94 -2.57
N ARG A 168 -8.65 -21.85 -3.05
CA ARG A 168 -8.95 -21.11 -4.27
C ARG A 168 -9.00 -19.61 -3.99
N GLY A 169 -9.38 -19.23 -2.77
CA GLY A 169 -9.47 -17.81 -2.48
C GLY A 169 -9.03 -17.33 -1.12
N ILE A 170 -8.19 -16.29 -1.13
CA ILE A 170 -7.66 -15.67 0.07
C ILE A 170 -8.31 -14.29 0.25
N LEU A 171 -8.70 -13.93 1.46
CA LEU A 171 -9.29 -12.62 1.65
C LEU A 171 -8.51 -11.80 2.67
N LEU A 172 -8.10 -10.61 2.27
CA LEU A 172 -7.38 -9.71 3.15
C LEU A 172 -8.35 -8.71 3.69
N PHE A 173 -8.75 -8.89 4.94
CA PHE A 173 -9.67 -7.95 5.54
C PHE A 173 -8.93 -7.26 6.66
N GLY A 174 -9.47 -6.13 7.10
CA GLY A 174 -8.85 -5.38 8.16
C GLY A 174 -9.00 -3.90 7.90
N PRO A 175 -8.97 -3.07 8.96
CA PRO A 175 -9.09 -1.62 8.91
C PRO A 175 -8.45 -0.95 7.71
N PRO A 176 -8.87 0.29 7.41
CA PRO A 176 -8.33 1.02 6.27
C PRO A 176 -6.88 1.49 6.41
N GLY A 177 -6.17 1.43 5.28
CA GLY A 177 -4.81 1.90 5.24
C GLY A 177 -3.81 1.12 6.05
N THR A 178 -4.08 -0.17 6.25
CA THR A 178 -3.17 -1.00 7.01
C THR A 178 -2.30 -1.91 6.16
N GLY A 179 -2.43 -1.82 4.84
CA GLY A 179 -1.59 -2.64 4.01
C GLY A 179 -2.26 -3.54 3.00
N LYS A 180 -3.59 -3.64 3.03
CA LYS A 180 -4.30 -4.52 2.09
C LYS A 180 -3.89 -4.41 0.63
N SER A 181 -4.26 -3.31 -0.03
CA SER A 181 -3.89 -3.12 -1.42
C SER A 181 -2.37 -3.19 -1.57
N TYR A 182 -1.65 -2.46 -0.72
CA TYR A 182 -0.18 -2.45 -0.78
C TYR A 182 0.43 -3.84 -0.74
N LEU A 183 -0.08 -4.68 0.16
CA LEU A 183 0.41 -6.04 0.29
C LEU A 183 0.24 -6.77 -1.04
N ALA A 184 -0.95 -6.62 -1.62
CA ALA A 184 -1.25 -7.26 -2.89
C ALA A 184 -0.17 -6.93 -3.92
N LYS A 185 0.27 -5.69 -3.95
CA LYS A 185 1.30 -5.29 -4.90
C LYS A 185 2.60 -5.99 -4.58
N ALA A 186 2.86 -6.23 -3.30
CA ALA A 186 4.08 -6.92 -2.92
C ALA A 186 4.01 -8.33 -3.48
N VAL A 187 2.82 -8.93 -3.37
CA VAL A 187 2.59 -10.27 -3.88
C VAL A 187 2.74 -10.30 -5.38
N ALA A 188 2.30 -9.22 -6.01
CA ALA A 188 2.37 -9.08 -7.46
C ALA A 188 3.80 -9.16 -7.94
N THR A 189 4.68 -8.40 -7.30
CA THR A 189 6.06 -8.41 -7.72
C THR A 189 6.76 -9.67 -7.23
N GLU A 190 6.49 -10.11 -6.00
CA GLU A 190 7.13 -11.31 -5.47
C GLU A 190 6.51 -12.61 -5.99
N ALA A 191 5.47 -12.50 -6.83
CA ALA A 191 4.82 -13.67 -7.42
C ALA A 191 5.70 -14.09 -8.58
N ASN A 192 6.89 -14.52 -8.20
CA ASN A 192 7.97 -14.92 -9.09
C ASN A 192 7.69 -15.49 -10.47
N ASN A 193 6.75 -16.42 -10.56
CA ASN A 193 6.47 -17.06 -11.84
C ASN A 193 5.15 -16.73 -12.46
N SER A 194 4.14 -16.57 -11.62
CA SER A 194 2.82 -16.26 -12.12
C SER A 194 2.66 -14.80 -12.50
N THR A 195 1.77 -14.58 -13.45
CA THR A 195 1.46 -13.24 -13.91
C THR A 195 0.28 -12.74 -13.04
N PHE A 196 0.26 -11.45 -12.75
CA PHE A 196 -0.77 -10.87 -11.88
C PHE A 196 -1.92 -10.15 -12.59
N PHE A 197 -3.11 -10.14 -11.99
CA PHE A 197 -4.26 -9.48 -12.58
C PHE A 197 -5.01 -8.70 -11.52
N SER A 198 -5.29 -7.43 -11.79
CA SER A 198 -5.96 -6.57 -10.81
C SER A 198 -7.20 -5.80 -11.28
N ILE A 199 -8.10 -5.53 -10.32
CA ILE A 199 -9.32 -4.72 -10.54
C ILE A 199 -9.80 -4.11 -9.21
N SER A 200 -10.61 -3.06 -9.28
CA SER A 200 -11.11 -2.38 -8.09
C SER A 200 -12.59 -2.00 -8.25
N SER A 201 -12.89 -0.74 -7.98
CA SER A 201 -14.24 -0.21 -8.16
C SER A 201 -14.17 0.40 -9.56
N SER A 202 -14.32 -0.46 -10.56
CA SER A 202 -14.26 -0.04 -11.95
C SER A 202 -14.92 -1.12 -12.83
N SER A 212 -23.27 -3.15 -17.80
CA SER A 212 -22.57 -3.52 -19.03
C SER A 212 -21.24 -4.20 -18.72
N GLU A 213 -20.87 -4.20 -17.43
CA GLU A 213 -19.62 -4.80 -16.96
C GLU A 213 -19.68 -6.32 -16.95
N LYS A 214 -20.00 -6.93 -18.10
CA LYS A 214 -20.10 -8.38 -18.17
C LYS A 214 -18.80 -9.07 -18.59
N LEU A 215 -17.76 -8.28 -18.87
CA LEU A 215 -16.50 -8.87 -19.29
C LEU A 215 -15.69 -9.44 -18.15
N VAL A 216 -16.39 -9.88 -17.12
CA VAL A 216 -15.75 -10.53 -15.99
C VAL A 216 -15.47 -11.89 -16.56
N LYS A 217 -16.39 -12.33 -17.42
CA LYS A 217 -16.25 -13.61 -18.09
C LYS A 217 -14.89 -13.56 -18.78
N ASN A 218 -14.53 -12.37 -19.23
CA ASN A 218 -13.27 -12.16 -19.94
C ASN A 218 -12.04 -12.30 -19.04
N LEU A 219 -12.07 -11.68 -17.87
CA LEU A 219 -10.93 -11.76 -16.95
C LEU A 219 -10.50 -13.19 -16.66
N PHE A 220 -11.33 -13.93 -15.92
CA PHE A 220 -11.02 -15.30 -15.57
C PHE A 220 -10.45 -16.07 -16.75
N GLN A 221 -11.09 -15.92 -17.92
CA GLN A 221 -10.62 -16.61 -19.11
C GLN A 221 -9.14 -16.29 -19.34
N LEU A 222 -8.84 -15.01 -19.44
CA LEU A 222 -7.47 -14.54 -19.65
C LEU A 222 -6.46 -15.31 -18.81
N ALA A 223 -6.76 -15.41 -17.52
CA ALA A 223 -5.87 -16.08 -16.56
C ALA A 223 -5.61 -17.57 -16.80
N ARG A 224 -6.65 -18.30 -17.16
CA ARG A 224 -6.54 -19.74 -17.36
C ARG A 224 -5.46 -20.16 -18.36
N GLU A 225 -5.16 -19.26 -19.29
CA GLU A 225 -4.16 -19.53 -20.31
C GLU A 225 -2.73 -19.33 -19.79
N ASN A 226 -2.52 -18.21 -19.11
CA ASN A 226 -1.20 -17.88 -18.58
C ASN A 226 -0.93 -18.51 -17.22
N LYS A 227 -1.72 -19.52 -16.89
CA LYS A 227 -1.60 -20.24 -15.63
C LYS A 227 -0.20 -20.87 -15.52
N PRO A 228 0.41 -20.81 -14.32
CA PRO A 228 -0.08 -20.19 -13.08
C PRO A 228 -0.40 -18.68 -13.17
N SER A 229 -1.42 -18.25 -12.45
CA SER A 229 -1.84 -16.84 -12.46
C SER A 229 -2.56 -16.42 -11.17
N ILE A 230 -2.54 -15.12 -10.87
CA ILE A 230 -3.20 -14.61 -9.66
C ILE A 230 -4.20 -13.53 -10.03
N ILE A 231 -5.37 -13.60 -9.42
CA ILE A 231 -6.42 -12.62 -9.68
C ILE A 231 -6.72 -11.85 -8.41
N PHE A 232 -6.55 -10.54 -8.46
CA PHE A 232 -6.77 -9.71 -7.28
C PHE A 232 -7.90 -8.72 -7.44
N ILE A 233 -8.93 -8.85 -6.61
CA ILE A 233 -10.03 -7.91 -6.69
C ILE A 233 -10.03 -7.02 -5.46
N ASP A 234 -9.45 -5.82 -5.58
CA ASP A 234 -9.41 -4.91 -4.45
C ASP A 234 -10.83 -4.46 -4.08
N GLU A 235 -11.04 -4.22 -2.79
CA GLU A 235 -12.34 -3.82 -2.27
C GLU A 235 -13.42 -4.57 -3.02
N ILE A 236 -13.64 -5.82 -2.62
CA ILE A 236 -14.63 -6.66 -3.25
C ILE A 236 -15.98 -6.25 -2.70
N ASP A 237 -15.94 -5.22 -1.84
CA ASP A 237 -17.15 -4.66 -1.27
C ASP A 237 -17.63 -3.67 -2.32
N SER A 238 -16.91 -3.66 -3.46
CA SER A 238 -17.25 -2.82 -4.61
C SER A 238 -18.51 -3.48 -5.14
N LEU A 239 -18.36 -4.74 -5.53
CA LEU A 239 -19.47 -5.53 -6.05
C LEU A 239 -20.35 -5.97 -4.90
N CYS A 240 -20.89 -5.00 -4.16
CA CYS A 240 -21.76 -5.27 -3.03
C CYS A 240 -22.16 -4.01 -2.28
N GLY A 241 -23.33 -4.05 -1.65
CA GLY A 241 -23.82 -2.90 -0.89
C GLY A 241 -25.07 -3.26 -0.13
N SER A 242 -24.90 -3.81 1.07
CA SER A 242 -26.05 -4.19 1.86
C SER A 242 -26.12 -3.64 3.29
N ARG A 243 -27.25 -3.01 3.56
CA ARG A 243 -27.61 -2.49 4.88
C ARG A 243 -28.61 -3.60 5.21
N SER A 244 -28.77 -4.46 4.20
CA SER A 244 -29.68 -5.61 4.11
C SER A 244 -30.74 -5.09 3.14
N GLU A 245 -30.40 -4.00 2.45
CA GLU A 245 -31.27 -3.35 1.46
C GLU A 245 -30.63 -2.15 0.73
N ASN A 246 -30.37 -2.34 -0.56
CA ASN A 246 -29.78 -1.34 -1.45
C ASN A 246 -29.14 -2.08 -2.63
N GLU A 247 -29.84 -2.14 -3.74
CA GLU A 247 -29.30 -2.85 -4.89
C GLU A 247 -29.48 -2.18 -6.24
N SER A 248 -28.49 -2.40 -7.10
CA SER A 248 -28.51 -1.93 -8.48
C SER A 248 -28.73 -3.30 -9.14
N GLU A 249 -30.00 -3.61 -9.40
CA GLU A 249 -30.45 -4.87 -9.96
C GLU A 249 -29.68 -5.62 -11.06
N ALA A 250 -28.94 -4.91 -11.90
CA ALA A 250 -28.16 -5.56 -12.96
C ALA A 250 -26.82 -6.00 -12.41
N ALA A 251 -26.47 -5.49 -11.23
CA ALA A 251 -25.23 -5.86 -10.54
C ALA A 251 -25.50 -7.15 -9.78
N ARG A 252 -26.74 -7.65 -9.88
CA ARG A 252 -27.15 -8.88 -9.22
C ARG A 252 -26.64 -10.08 -10.03
N ARG A 253 -26.49 -9.90 -11.33
CA ARG A 253 -25.98 -10.97 -12.20
C ARG A 253 -24.47 -10.81 -12.30
N ILE A 254 -23.96 -9.69 -11.79
CA ILE A 254 -22.52 -9.43 -11.76
C ILE A 254 -21.98 -10.38 -10.70
N LYS A 255 -22.59 -10.30 -9.52
CA LYS A 255 -22.27 -11.14 -8.38
C LYS A 255 -22.32 -12.61 -8.80
N THR A 256 -23.37 -12.97 -9.53
CA THR A 256 -23.56 -14.36 -9.97
C THR A 256 -22.69 -14.83 -11.13
N GLU A 257 -22.20 -13.92 -11.96
CA GLU A 257 -21.36 -14.35 -13.08
C GLU A 257 -19.93 -14.53 -12.60
N PHE A 258 -19.69 -14.07 -11.37
CA PHE A 258 -18.39 -14.18 -10.71
C PHE A 258 -18.48 -15.44 -9.84
N LEU A 259 -19.50 -15.44 -8.98
CA LEU A 259 -19.80 -16.53 -8.06
C LEU A 259 -19.69 -17.86 -8.79
N VAL A 260 -20.33 -17.91 -9.95
CA VAL A 260 -20.35 -19.08 -10.80
C VAL A 260 -18.98 -19.41 -11.38
N GLN A 261 -18.31 -18.39 -11.90
CA GLN A 261 -17.01 -18.58 -12.52
C GLN A 261 -15.93 -19.13 -11.60
N MET A 262 -16.14 -19.00 -10.28
CA MET A 262 -15.18 -19.52 -9.32
C MET A 262 -15.35 -21.03 -9.11
N GLN A 263 -16.51 -21.55 -9.49
CA GLN A 263 -16.77 -22.98 -9.40
C GLN A 263 -16.06 -23.58 -10.61
N GLY A 264 -16.37 -23.03 -11.79
CA GLY A 264 -15.75 -23.48 -13.02
C GLY A 264 -16.17 -24.83 -13.59
N VAL A 265 -16.95 -24.81 -14.69
CA VAL A 265 -17.40 -26.04 -15.34
C VAL A 265 -16.17 -26.73 -15.91
N GLY A 266 -15.19 -25.92 -16.32
CA GLY A 266 -13.94 -26.43 -16.84
C GLY A 266 -12.96 -26.24 -15.69
N VAL A 267 -13.10 -27.08 -14.65
CA VAL A 267 -12.30 -27.03 -13.43
C VAL A 267 -10.88 -26.52 -13.63
N ASP A 268 -10.65 -25.30 -13.14
CA ASP A 268 -9.36 -24.64 -13.25
C ASP A 268 -8.37 -25.10 -12.17
N ASN A 269 -7.96 -26.37 -12.22
CA ASN A 269 -6.99 -26.88 -11.26
C ASN A 269 -5.64 -26.24 -11.57
N ASP A 270 -5.70 -25.03 -12.11
CA ASP A 270 -4.52 -24.26 -12.49
C ASP A 270 -4.00 -23.56 -11.24
N GLY A 271 -2.80 -23.00 -11.33
CA GLY A 271 -2.24 -22.31 -10.20
C GLY A 271 -3.01 -21.02 -9.95
N ILE A 272 -4.23 -20.97 -10.47
CA ILE A 272 -5.10 -19.80 -10.35
C ILE A 272 -5.70 -19.56 -8.94
N LEU A 273 -5.24 -18.48 -8.30
CA LEU A 273 -5.66 -18.10 -6.94
C LEU A 273 -6.36 -16.74 -6.90
N VAL A 274 -7.49 -16.66 -6.23
CA VAL A 274 -8.25 -15.43 -6.14
C VAL A 274 -8.00 -14.64 -4.87
N LEU A 275 -7.49 -13.43 -5.02
CA LEU A 275 -7.22 -12.52 -3.91
C LEU A 275 -8.33 -11.48 -3.75
N GLY A 276 -8.63 -11.15 -2.51
CA GLY A 276 -9.64 -10.15 -2.26
C GLY A 276 -9.13 -9.22 -1.19
N ALA A 277 -9.70 -8.02 -1.09
CA ALA A 277 -9.29 -7.05 -0.10
C ALA A 277 -10.49 -6.23 0.35
N THR A 278 -10.56 -5.87 1.62
CA THR A 278 -11.69 -5.09 2.09
C THR A 278 -11.55 -4.61 3.53
N ASN A 279 -12.11 -3.44 3.80
CA ASN A 279 -12.04 -2.87 5.15
C ASN A 279 -13.42 -2.82 5.79
N ILE A 280 -14.38 -3.47 5.13
CA ILE A 280 -15.76 -3.57 5.59
C ILE A 280 -16.29 -4.90 5.08
N PRO A 281 -15.60 -6.01 5.42
CA PRO A 281 -15.94 -7.38 5.01
C PRO A 281 -17.32 -7.95 5.39
N TRP A 282 -17.87 -7.50 6.50
CA TRP A 282 -19.16 -7.98 6.97
C TRP A 282 -20.29 -7.76 5.95
N VAL A 283 -20.10 -6.79 5.07
CA VAL A 283 -21.12 -6.49 4.09
C VAL A 283 -21.15 -7.46 2.94
N LEU A 284 -20.26 -8.44 2.94
CA LEU A 284 -20.25 -9.38 1.82
C LEU A 284 -21.34 -10.43 1.88
N ASP A 285 -21.58 -11.06 0.73
CA ASP A 285 -22.56 -12.13 0.57
C ASP A 285 -22.01 -13.44 1.13
N SER A 286 -22.87 -14.18 1.81
CA SER A 286 -22.48 -15.46 2.39
C SER A 286 -21.82 -16.29 1.30
N ALA A 287 -22.45 -16.32 0.12
CA ALA A 287 -21.95 -17.08 -1.03
C ALA A 287 -20.56 -16.62 -1.42
N ILE A 288 -20.35 -15.30 -1.46
CA ILE A 288 -19.08 -14.69 -1.82
C ILE A 288 -18.04 -14.92 -0.74
N ARG A 289 -18.37 -14.46 0.45
CA ARG A 289 -17.50 -14.59 1.61
C ARG A 289 -17.00 -16.04 1.71
N ARG A 290 -17.93 -16.99 1.75
CA ARG A 290 -17.55 -18.40 1.87
C ARG A 290 -16.74 -18.92 0.70
N ARG A 291 -16.49 -18.08 -0.29
CA ARG A 291 -15.70 -18.47 -1.44
C ARG A 291 -14.22 -18.32 -1.12
N PHE A 292 -13.93 -17.60 -0.04
CA PHE A 292 -12.57 -17.40 0.41
C PHE A 292 -12.42 -18.19 1.69
N GLU A 293 -11.77 -19.33 1.59
CA GLU A 293 -11.58 -20.22 2.73
C GLU A 293 -10.39 -19.81 3.60
N LYS A 294 -9.49 -19.03 3.03
CA LYS A 294 -8.31 -18.52 3.72
C LYS A 294 -8.57 -17.02 3.89
N ARG A 295 -8.57 -16.56 5.14
CA ARG A 295 -8.82 -15.14 5.41
C ARG A 295 -7.79 -14.59 6.38
N ILE A 296 -7.08 -13.57 5.92
CA ILE A 296 -6.00 -12.95 6.69
C ILE A 296 -6.34 -11.56 7.20
N TYR A 297 -6.07 -11.31 8.48
CA TYR A 297 -6.33 -9.99 9.05
C TYR A 297 -5.10 -9.11 8.95
N ILE A 298 -5.26 -7.95 8.31
CA ILE A 298 -4.19 -6.97 8.18
C ILE A 298 -4.50 -5.84 9.15
N PRO A 299 -3.79 -5.81 10.30
CA PRO A 299 -3.94 -4.85 11.39
C PRO A 299 -3.22 -3.50 11.32
N LEU A 300 -3.45 -2.71 12.36
CA LEU A 300 -2.82 -1.43 12.49
C LEU A 300 -1.41 -1.78 12.94
N PRO A 301 -0.40 -1.13 12.35
CA PRO A 301 1.01 -1.37 12.66
C PRO A 301 1.48 -1.26 14.10
N GLU A 302 2.31 -2.20 14.52
CA GLU A 302 2.87 -2.13 15.86
C GLU A 302 3.95 -1.04 15.79
N ALA A 303 4.43 -0.58 16.93
CA ALA A 303 5.42 0.49 16.94
C ALA A 303 6.65 0.28 16.07
N HIS A 304 7.23 -0.91 16.12
CA HIS A 304 8.42 -1.18 15.33
C HIS A 304 8.19 -0.91 13.85
N ALA A 305 7.08 -1.43 13.34
CA ALA A 305 6.70 -1.29 11.93
C ALA A 305 6.36 0.13 11.59
N ARG A 306 5.95 0.88 12.61
CA ARG A 306 5.60 2.30 12.42
C ARG A 306 6.85 3.11 12.09
N ALA A 307 7.92 2.95 12.88
CA ALA A 307 9.15 3.67 12.63
C ALA A 307 9.69 3.32 11.27
N ALA A 308 9.61 2.05 10.91
CA ALA A 308 10.12 1.60 9.61
C ALA A 308 9.40 2.22 8.41
N MET A 309 8.18 2.70 8.57
CA MET A 309 7.50 3.31 7.45
C MET A 309 8.04 4.71 7.22
N PHE A 310 8.26 5.44 8.30
CA PHE A 310 8.79 6.79 8.15
C PHE A 310 10.09 6.69 7.36
N ARG A 311 10.98 5.81 7.80
CA ARG A 311 12.27 5.61 7.16
C ARG A 311 12.11 5.38 5.66
N LEU A 312 11.27 4.41 5.32
CA LEU A 312 11.05 4.01 3.94
C LEU A 312 10.47 5.05 3.01
N HIS A 313 9.33 5.61 3.42
CA HIS A 313 8.66 6.60 2.60
C HIS A 313 9.47 7.85 2.38
N LEU A 314 10.62 7.90 3.04
CA LEU A 314 11.54 9.02 2.94
C LEU A 314 12.64 8.61 1.96
N GLY A 315 13.29 7.48 2.25
CA GLY A 315 14.35 6.93 1.44
C GLY A 315 15.45 7.80 0.87
N SER A 316 15.80 7.53 -0.39
CA SER A 316 16.86 8.26 -1.14
C SER A 316 16.80 9.79 -1.06
N THR A 317 15.80 10.34 -0.38
CA THR A 317 15.64 11.78 -0.26
C THR A 317 16.53 12.39 0.83
N GLN A 318 17.02 13.61 0.60
CA GLN A 318 17.88 14.32 1.55
C GLN A 318 17.22 14.70 2.89
N ASN A 319 17.77 14.23 4.01
CA ASN A 319 17.20 14.59 5.32
C ASN A 319 18.20 14.51 6.47
N SER A 320 17.80 15.02 7.63
CA SER A 320 18.64 15.01 8.82
C SER A 320 17.93 14.34 9.97
N LEU A 321 17.52 13.08 9.76
CA LEU A 321 16.82 12.29 10.76
C LEU A 321 17.68 11.17 11.30
N THR A 322 17.77 11.05 12.63
CA THR A 322 18.58 10.00 13.25
C THR A 322 17.73 8.77 13.54
N GLU A 323 18.39 7.62 13.65
CA GLU A 323 17.67 6.38 13.95
C GLU A 323 16.79 6.62 15.16
N ALA A 324 17.25 7.48 16.07
CA ALA A 324 16.52 7.84 17.28
C ALA A 324 15.25 8.59 16.91
N ASP A 325 15.35 9.50 15.94
CA ASP A 325 14.20 10.24 15.48
C ASP A 325 13.12 9.33 14.90
N PHE A 326 13.52 8.30 14.16
CA PHE A 326 12.53 7.40 13.61
C PHE A 326 11.78 6.69 14.70
N GLN A 327 12.50 6.24 15.72
CA GLN A 327 11.86 5.53 16.84
C GLN A 327 10.91 6.48 17.56
N GLU A 328 11.36 7.73 17.76
CA GLU A 328 10.57 8.75 18.43
C GLU A 328 9.24 8.99 17.70
N LEU A 329 9.30 9.00 16.37
CA LEU A 329 8.10 9.17 15.54
C LEU A 329 7.24 7.91 15.71
N GLY A 330 7.87 6.74 15.57
CA GLY A 330 7.14 5.50 15.72
C GLY A 330 6.39 5.53 17.05
N ARG A 331 7.11 5.91 18.10
CA ARG A 331 6.54 6.00 19.42
C ARG A 331 5.39 7.03 19.48
N LYS A 332 5.60 8.20 18.90
CA LYS A 332 4.60 9.26 18.93
C LYS A 332 3.35 8.97 18.07
N THR A 333 3.41 7.95 17.21
CA THR A 333 2.26 7.62 16.33
C THR A 333 1.36 6.46 16.77
N ASP A 334 1.20 6.30 18.07
CA ASP A 334 0.34 5.26 18.60
C ASP A 334 -1.04 5.35 17.93
N GLY A 335 -1.48 4.28 17.28
CA GLY A 335 -2.80 4.29 16.66
C GLY A 335 -2.96 4.68 15.20
N TYR A 336 -1.88 5.06 14.55
CA TYR A 336 -1.94 5.46 13.15
C TYR A 336 -1.85 4.28 12.19
N SER A 337 -2.45 4.44 11.01
CA SER A 337 -2.42 3.42 9.97
C SER A 337 -1.22 3.68 9.08
N GLY A 338 -0.95 2.77 8.16
CA GLY A 338 0.16 2.98 7.28
C GLY A 338 -0.14 4.13 6.36
N ALA A 339 -1.41 4.22 5.94
CA ALA A 339 -1.86 5.27 5.04
C ALA A 339 -1.72 6.64 5.68
N ASP A 340 -1.95 6.70 6.99
CA ASP A 340 -1.85 7.94 7.74
C ASP A 340 -0.43 8.48 7.75
N ILE A 341 0.52 7.60 8.04
CA ILE A 341 1.93 7.97 8.09
C ILE A 341 2.37 8.32 6.67
N SER A 342 1.89 7.55 5.71
CA SER A 342 2.24 7.79 4.32
C SER A 342 1.87 9.21 3.92
N ILE A 343 0.78 9.71 4.49
CA ILE A 343 0.33 11.07 4.22
C ILE A 343 1.27 12.04 4.91
N ILE A 344 1.59 11.77 6.17
CA ILE A 344 2.48 12.61 6.94
C ILE A 344 3.82 12.77 6.26
N VAL A 345 4.51 11.68 5.99
CA VAL A 345 5.79 11.79 5.32
C VAL A 345 5.70 12.59 4.00
N ARG A 346 4.64 12.40 3.21
CA ARG A 346 4.50 13.13 1.96
C ARG A 346 4.42 14.62 2.27
N ASP A 347 3.71 14.99 3.34
CA ASP A 347 3.62 16.41 3.66
C ASP A 347 4.98 16.97 4.05
N ALA A 348 5.63 16.37 5.04
CA ALA A 348 6.93 16.88 5.48
C ALA A 348 7.92 16.86 4.35
N LEU A 349 7.77 15.90 3.47
CA LEU A 349 8.64 15.72 2.34
C LEU A 349 8.62 16.99 1.49
N MET A 350 7.44 17.57 1.40
CA MET A 350 7.20 18.77 0.60
C MET A 350 7.70 20.07 1.23
N GLN A 351 8.21 20.00 2.45
CA GLN A 351 8.68 21.19 3.14
C GLN A 351 9.78 21.98 2.45
N PRO A 352 10.87 21.32 2.06
CA PRO A 352 11.93 22.08 1.40
C PRO A 352 11.39 22.78 0.14
N VAL A 353 10.37 22.19 -0.47
CA VAL A 353 9.77 22.74 -1.67
C VAL A 353 8.95 23.98 -1.36
N ARG A 354 8.22 23.97 -0.26
CA ARG A 354 7.45 25.17 0.10
C ARG A 354 8.39 26.29 0.47
N LYS A 355 9.49 25.95 1.14
CA LYS A 355 10.45 26.96 1.56
C LYS A 355 11.18 27.58 0.39
N VAL A 356 11.33 26.85 -0.69
CA VAL A 356 12.02 27.38 -1.86
C VAL A 356 11.10 28.29 -2.66
N GLN A 357 9.83 27.91 -2.71
CA GLN A 357 8.86 28.69 -3.44
C GLN A 357 8.63 30.00 -2.76
N SER A 358 8.41 29.94 -1.46
CA SER A 358 8.12 31.12 -0.66
C SER A 358 9.27 32.02 -0.22
N ALA A 359 10.48 31.49 -0.20
CA ALA A 359 11.64 32.26 0.23
C ALA A 359 11.72 33.61 -0.43
N THR A 360 12.42 34.54 0.24
CA THR A 360 12.62 35.91 -0.23
C THR A 360 14.11 36.19 -0.31
N HIS A 361 14.90 35.31 0.31
CA HIS A 361 16.36 35.41 0.34
C HIS A 361 17.04 34.06 0.19
N PHE A 362 18.23 34.07 -0.41
CA PHE A 362 19.00 32.85 -0.60
C PHE A 362 20.50 33.10 -0.30
N LYS A 363 21.15 32.16 0.37
CA LYS A 363 22.58 32.29 0.67
C LYS A 363 23.36 31.51 -0.38
N LYS A 364 24.60 31.92 -0.65
CA LYS A 364 25.43 31.20 -1.61
C LYS A 364 26.12 30.16 -0.72
N VAL A 365 26.19 28.90 -1.14
CA VAL A 365 26.82 27.90 -0.27
C VAL A 365 27.70 26.91 -0.97
N ARG A 366 28.33 26.05 -0.17
CA ARG A 366 29.20 25.00 -0.69
C ARG A 366 28.32 23.74 -0.72
N GLY A 367 28.55 22.87 -1.70
CA GLY A 367 27.76 21.67 -1.80
C GLY A 367 28.02 20.92 -3.09
N PRO A 368 27.51 19.69 -3.22
CA PRO A 368 27.70 18.85 -4.41
C PRO A 368 27.11 19.49 -5.65
N SER A 369 27.86 19.45 -6.74
CA SER A 369 27.41 20.02 -7.99
C SER A 369 26.13 19.34 -8.43
N ARG A 370 25.17 20.11 -8.93
CA ARG A 370 23.92 19.54 -9.37
C ARG A 370 24.13 18.54 -10.51
N ALA A 371 25.12 18.82 -11.37
CA ALA A 371 25.40 17.96 -12.51
C ALA A 371 26.29 16.78 -12.18
N ASP A 372 27.18 16.96 -11.21
CA ASP A 372 28.09 15.91 -10.80
C ASP A 372 28.17 15.94 -9.28
N PRO A 373 27.53 14.96 -8.61
CA PRO A 373 27.55 14.92 -7.15
C PRO A 373 28.94 14.94 -6.49
N ASN A 374 29.93 14.26 -7.07
CA ASN A 374 31.23 14.29 -6.42
C ASN A 374 32.20 15.37 -6.92
N CYS A 375 31.69 16.59 -7.00
CA CYS A 375 32.46 17.76 -7.38
C CYS A 375 31.84 18.91 -6.57
N ILE A 376 32.51 19.34 -5.49
CA ILE A 376 31.98 20.40 -4.64
C ILE A 376 32.18 21.81 -5.23
N VAL A 377 31.28 22.74 -4.94
CA VAL A 377 31.41 24.02 -5.64
C VAL A 377 31.44 25.43 -5.09
N ASN A 378 31.29 25.62 -3.79
CA ASN A 378 31.27 27.01 -3.27
C ASN A 378 30.23 27.90 -4.00
N ASP A 379 29.26 27.31 -4.73
CA ASP A 379 28.33 28.11 -5.54
C ASP A 379 26.79 28.00 -5.38
N LEU A 380 26.31 26.86 -4.89
CA LEU A 380 24.88 26.64 -4.73
C LEU A 380 24.15 27.76 -3.95
N LEU A 381 22.84 27.84 -4.15
CA LEU A 381 22.01 28.84 -3.48
C LEU A 381 20.90 28.13 -2.73
N THR A 382 20.78 28.41 -1.44
CA THR A 382 19.75 27.79 -0.63
C THR A 382 18.93 28.87 0.06
N PRO A 383 17.62 28.62 0.29
CA PRO A 383 16.76 29.61 0.94
C PRO A 383 17.15 29.91 2.37
N CYS A 384 16.92 31.15 2.80
CA CYS A 384 17.23 31.55 4.17
C CYS A 384 16.41 32.76 4.60
N SER A 385 16.68 33.22 5.81
CA SER A 385 16.00 34.37 6.37
C SER A 385 16.84 35.62 6.14
N PRO A 386 16.21 36.80 6.19
CA PRO A 386 16.99 38.02 6.00
C PRO A 386 17.98 38.19 7.17
N GLY A 387 17.55 37.76 8.36
CA GLY A 387 18.40 37.84 9.54
C GLY A 387 19.48 36.77 9.54
N ASP A 388 20.11 36.59 8.38
CA ASP A 388 21.17 35.61 8.19
C ASP A 388 22.35 36.27 7.51
N PRO A 389 23.58 35.87 7.88
CA PRO A 389 24.77 36.45 7.28
C PRO A 389 24.98 35.86 5.88
N GLY A 390 25.13 36.74 4.90
CA GLY A 390 25.33 36.29 3.53
C GLY A 390 24.00 36.20 2.80
N ALA A 391 23.02 36.94 3.27
CA ALA A 391 21.68 36.93 2.68
C ALA A 391 21.43 37.88 1.49
N ILE A 392 21.32 37.28 0.32
CA ILE A 392 21.04 37.98 -0.95
C ILE A 392 19.54 38.04 -1.16
N GLU A 393 19.03 39.18 -1.59
CA GLU A 393 17.60 39.30 -1.82
C GLU A 393 17.23 38.85 -3.21
N MET A 394 16.28 37.93 -3.27
CA MET A 394 15.80 37.38 -4.53
C MET A 394 14.86 36.22 -4.24
N THR A 395 14.15 35.78 -5.28
CA THR A 395 13.23 34.66 -5.14
C THR A 395 13.73 33.49 -6.00
N TRP A 396 13.08 32.35 -5.89
CA TRP A 396 13.50 31.18 -6.65
C TRP A 396 13.58 31.40 -8.15
N MET A 397 12.90 32.43 -8.65
CA MET A 397 12.89 32.70 -10.08
C MET A 397 14.28 33.12 -10.53
N ASP A 398 15.01 33.72 -9.59
CA ASP A 398 16.35 34.20 -9.87
C ASP A 398 17.41 33.11 -9.76
N VAL A 399 17.12 32.07 -8.99
CA VAL A 399 18.05 30.96 -8.83
C VAL A 399 18.09 30.09 -10.09
N PRO A 400 19.29 29.87 -10.64
CA PRO A 400 19.42 29.04 -11.85
C PRO A 400 18.93 27.64 -11.58
N GLY A 401 18.31 27.05 -12.57
CA GLY A 401 17.79 25.71 -12.41
C GLY A 401 18.79 24.71 -11.88
N ASP A 402 20.08 24.91 -12.19
CA ASP A 402 21.10 23.97 -11.74
C ASP A 402 21.99 24.46 -10.61
N LYS A 403 21.50 25.39 -9.79
CA LYS A 403 22.30 25.90 -8.69
C LYS A 403 21.56 25.92 -7.36
N LEU A 404 20.39 25.31 -7.32
CA LEU A 404 19.61 25.28 -6.11
C LEU A 404 19.99 24.10 -5.24
N LEU A 405 20.29 24.39 -3.99
CA LEU A 405 20.65 23.37 -3.03
C LEU A 405 19.47 23.37 -2.09
N GLU A 406 18.58 22.41 -2.26
CA GLU A 406 17.39 22.34 -1.41
C GLU A 406 17.68 22.03 0.04
N PRO A 407 16.77 22.43 0.93
CA PRO A 407 16.93 22.18 2.36
C PRO A 407 16.68 20.71 2.65
N VAL A 408 17.19 20.22 3.79
CA VAL A 408 16.99 18.84 4.18
C VAL A 408 15.74 18.72 5.04
N VAL A 409 15.04 17.61 4.90
CA VAL A 409 13.83 17.39 5.70
C VAL A 409 14.32 17.08 7.10
N SER A 410 13.88 17.88 8.06
CA SER A 410 14.30 17.70 9.44
C SER A 410 13.22 17.08 10.28
N MET A 411 13.60 16.67 11.49
CA MET A 411 12.66 16.08 12.43
C MET A 411 11.62 17.12 12.79
N TRP A 412 12.00 18.40 12.73
CA TRP A 412 11.08 19.47 13.04
C TRP A 412 9.93 19.36 12.05
N ASP A 413 10.27 19.14 10.79
CA ASP A 413 9.26 19.04 9.76
C ASP A 413 8.36 17.83 9.92
N MET A 414 8.88 16.76 10.49
CA MET A 414 8.05 15.58 10.67
C MET A 414 7.01 15.85 11.72
N LEU A 415 7.46 16.25 12.91
CA LEU A 415 6.55 16.52 14.01
C LEU A 415 5.51 17.55 13.62
N ARG A 416 5.91 18.51 12.80
CA ARG A 416 4.99 19.55 12.35
C ARG A 416 3.92 18.89 11.50
N SER A 417 4.34 18.01 10.59
CA SER A 417 3.40 17.31 9.75
C SER A 417 2.54 16.41 10.59
N LEU A 418 3.15 15.86 11.63
CA LEU A 418 2.46 14.95 12.52
C LEU A 418 1.31 15.63 13.27
N SER A 419 1.63 16.69 14.01
CA SER A 419 0.62 17.41 14.78
C SER A 419 -0.62 17.71 13.97
N SER A 420 -0.43 18.12 12.72
CA SER A 420 -1.54 18.46 11.85
C SER A 420 -2.21 17.32 11.10
N THR A 421 -2.18 16.12 11.69
CA THR A 421 -2.83 14.96 11.10
C THR A 421 -3.09 14.00 12.25
N LYS A 422 -4.31 13.49 12.34
CA LYS A 422 -4.68 12.57 13.39
C LYS A 422 -5.18 11.24 12.86
N PRO A 423 -5.05 10.15 13.65
CA PRO A 423 -5.48 8.82 13.24
C PRO A 423 -6.85 8.74 12.61
N THR A 424 -6.96 7.91 11.58
CA THR A 424 -8.22 7.73 10.86
C THR A 424 -9.05 6.56 11.38
N VAL A 425 -8.40 5.54 11.93
CA VAL A 425 -9.12 4.37 12.44
C VAL A 425 -9.55 4.49 13.90
N ASN A 426 -10.85 4.76 14.08
CA ASN A 426 -11.41 4.88 15.42
C ASN A 426 -11.64 3.48 15.98
N GLU A 427 -12.02 3.41 17.25
CA GLU A 427 -12.26 2.12 17.92
C GLU A 427 -13.45 1.29 17.41
N GLN A 428 -14.62 1.92 17.25
CA GLN A 428 -15.82 1.19 16.80
C GLN A 428 -15.56 0.50 15.46
N ASP A 429 -14.72 1.13 14.65
CA ASP A 429 -14.34 0.58 13.35
C ASP A 429 -13.67 -0.78 13.62
N LEU A 430 -12.64 -0.75 14.46
CA LEU A 430 -11.87 -1.93 14.85
C LEU A 430 -12.74 -2.95 15.59
N LEU A 431 -13.72 -2.46 16.34
CA LEU A 431 -14.62 -3.30 17.12
C LEU A 431 -15.46 -4.18 16.16
N LYS A 432 -16.07 -3.54 15.16
CA LYS A 432 -16.89 -4.21 14.15
C LYS A 432 -16.07 -5.21 13.36
N LEU A 433 -14.76 -5.09 13.45
CA LEU A 433 -13.86 -5.98 12.76
C LEU A 433 -13.66 -7.24 13.58
N LYS A 434 -13.83 -7.12 14.89
CA LYS A 434 -13.70 -8.30 15.74
C LYS A 434 -14.93 -9.14 15.41
N LYS A 435 -16.06 -8.46 15.24
CA LYS A 435 -17.33 -9.10 14.92
C LYS A 435 -17.26 -9.99 13.68
N PHE A 436 -16.74 -9.45 12.58
CA PHE A 436 -16.67 -10.24 11.37
C PHE A 436 -16.05 -11.62 11.56
N THR A 437 -15.15 -11.74 12.52
CA THR A 437 -14.50 -13.03 12.76
C THR A 437 -15.21 -13.86 13.81
N GLU A 438 -16.22 -13.26 14.44
CA GLU A 438 -16.98 -13.99 15.45
C GLU A 438 -17.59 -15.16 14.72
N ASP A 439 -16.94 -16.30 14.93
CA ASP A 439 -17.27 -17.58 14.32
C ASP A 439 -17.36 -17.60 12.79
N PHE A 440 -17.28 -16.43 12.15
CA PHE A 440 -17.26 -16.39 10.68
C PHE A 440 -15.85 -16.90 10.52
N GLY A 441 -14.93 -16.29 11.25
CA GLY A 441 -13.57 -16.76 11.19
C GLY A 441 -13.18 -17.38 9.86
N GLN A 442 -12.73 -18.63 9.84
CA GLN A 442 -12.31 -19.30 8.55
C GLN A 442 -13.43 -20.03 7.69
N GLU A 443 -13.47 -19.93 6.34
CA GLU A 443 -14.46 -20.69 5.54
C GLU A 443 -15.97 -20.42 5.60
N GLY A 444 -16.45 -19.79 6.66
CA GLY A 444 -17.88 -19.57 6.74
C GLY A 444 -18.26 -18.38 7.60
MG MG B . -7.69 -0.52 -1.17
PG ATP C . -8.26 0.35 2.51
O1G ATP C . -8.22 -0.79 3.45
O2G ATP C . -9.31 1.45 3.01
O3G ATP C . -8.66 -0.16 1.05
PB ATP C . -5.68 0.10 1.94
O1B ATP C . -5.46 -0.97 2.95
O2B ATP C . -5.99 -0.47 0.46
O3B ATP C . -6.87 1.08 2.46
PA ATP C . -3.11 0.55 1.31
O1A ATP C . -3.31 0.15 -0.11
O2A ATP C . -2.52 -0.64 2.22
O3A ATP C . -4.46 1.10 1.90
O5' ATP C . -2.27 1.87 1.44
C5' ATP C . -0.98 1.72 0.93
C4' ATP C . -0.34 3.06 1.16
O4' ATP C . -0.29 3.38 2.59
C3' ATP C . 1.07 3.07 0.63
O3' ATP C . 1.26 4.18 -0.23
C2' ATP C . 1.97 3.14 1.85
O2' ATP C . 2.77 4.31 1.79
C1' ATP C . 1.05 3.14 3.10
N9 ATP C . 1.14 1.82 3.81
C8 ATP C . 0.10 1.13 4.40
N7 ATP C . 0.51 0.02 4.92
C5 ATP C . 1.85 -0.11 4.72
C6 ATP C . 2.83 -1.09 5.05
N6 ATP C . 2.49 -2.23 5.74
N1 ATP C . 4.11 -0.88 4.68
C2 ATP C . 4.47 0.21 4.02
N3 ATP C . 3.58 1.15 3.69
C4 ATP C . 2.28 1.04 4.01
#